data_3KTO
#
_entry.id   3KTO
#
_cell.length_a   116.333
_cell.length_b   116.333
_cell.length_c   169.701
_cell.angle_alpha   90.00
_cell.angle_beta   90.00
_cell.angle_gamma   120.00
#
_symmetry.space_group_name_H-M   'H 3 2'
#
loop_
_entity.id
_entity.type
_entity.pdbx_description
1 polymer 'Response regulator receiver protein'
2 water water
#
_entity_poly.entity_id   1
_entity_poly.type   'polypeptide(L)'
_entity_poly.pdbx_seq_one_letter_code
;(MSE)SLNHHPIIYLVDHQKDARAALSKLLSPLDVTIQCFASAESF(MSE)RQQISDDAIG(MSE)IIEAHLEDKKDSGI
ELLETLVKRGFHLPTIV(MSE)ASSSDIPTAVRA(MSE)RASAADFIEKPFIEHVLVHDVQQIINGAKEGHHHHHH
;
_entity_poly.pdbx_strand_id   A,B,C
#
# COMPACT_ATOMS: atom_id res chain seq x y z
N PRO A 7 30.18 -4.83 -8.72
CA PRO A 7 29.28 -5.44 -7.72
C PRO A 7 27.82 -5.11 -8.00
N ILE A 8 27.02 -6.14 -8.16
CA ILE A 8 25.61 -5.96 -8.46
C ILE A 8 24.69 -6.58 -7.42
N ILE A 9 23.61 -5.87 -7.09
CA ILE A 9 22.61 -6.38 -6.16
C ILE A 9 21.28 -6.32 -6.89
N TYR A 10 20.64 -7.47 -7.03
CA TYR A 10 19.37 -7.56 -7.72
C TYR A 10 18.21 -7.24 -6.78
N LEU A 11 17.34 -6.34 -7.21
CA LEU A 11 16.17 -5.97 -6.44
C LEU A 11 14.92 -6.48 -7.18
N VAL A 12 14.13 -7.32 -6.53
CA VAL A 12 12.91 -7.85 -7.13
C VAL A 12 11.76 -7.30 -6.26
N ASP A 13 10.98 -6.41 -6.84
CA ASP A 13 9.87 -5.77 -6.14
C ASP A 13 8.91 -5.27 -7.21
N HIS A 14 7.63 -5.61 -7.09
CA HIS A 14 6.63 -5.20 -8.07
C HIS A 14 6.18 -3.74 -7.91
N GLN A 15 6.61 -3.09 -6.83
CA GLN A 15 6.23 -1.70 -6.61
C GLN A 15 7.21 -0.74 -7.30
N LYS A 16 6.71 -0.05 -8.32
CA LYS A 16 7.52 0.90 -9.06
C LYS A 16 8.17 1.94 -8.16
N ASP A 17 7.40 2.53 -7.26
CA ASP A 17 7.93 3.54 -6.35
C ASP A 17 9.06 2.97 -5.50
N ALA A 18 8.90 1.72 -5.07
CA ALA A 18 9.91 1.06 -4.26
C ALA A 18 11.22 0.94 -5.02
N ARG A 19 11.17 0.41 -6.25
CA ARG A 19 12.38 0.28 -7.05
C ARG A 19 13.03 1.65 -7.22
N ALA A 20 12.21 2.67 -7.44
CA ALA A 20 12.72 4.02 -7.61
C ALA A 20 13.38 4.51 -6.33
N ALA A 21 12.62 4.52 -5.24
CA ALA A 21 13.10 4.97 -3.94
C ALA A 21 14.32 4.22 -3.41
N LEU A 22 14.29 2.90 -3.51
CA LEU A 22 15.40 2.09 -3.05
C LEU A 22 16.66 2.35 -3.87
N SER A 23 16.49 2.49 -5.18
CA SER A 23 17.63 2.74 -6.04
C SER A 23 18.31 4.06 -5.70
N LYS A 24 17.51 5.08 -5.44
CA LYS A 24 18.04 6.40 -5.09
C LYS A 24 18.81 6.35 -3.78
N LEU A 25 18.20 5.74 -2.76
CA LEU A 25 18.84 5.61 -1.46
C LEU A 25 20.17 4.86 -1.46
N LEU A 26 20.30 3.87 -2.34
CA LEU A 26 21.53 3.06 -2.37
C LEU A 26 22.54 3.44 -3.44
N SER A 27 22.16 4.33 -4.35
CA SER A 27 23.07 4.75 -5.43
C SER A 27 24.41 5.25 -4.91
N PRO A 28 24.40 6.04 -3.82
CA PRO A 28 25.67 6.54 -3.31
C PRO A 28 26.50 5.52 -2.56
N LEU A 29 26.15 4.25 -2.72
CA LEU A 29 26.87 3.14 -2.11
C LEU A 29 27.68 2.56 -3.26
N ASP A 30 28.76 1.84 -2.96
CA ASP A 30 29.61 1.23 -3.99
C ASP A 30 29.00 -0.05 -4.59
N VAL A 31 27.88 0.10 -5.32
CA VAL A 31 27.19 -1.04 -5.91
C VAL A 31 26.15 -0.63 -6.93
N THR A 32 25.87 -1.52 -7.87
CA THR A 32 24.85 -1.30 -8.91
C THR A 32 23.55 -2.02 -8.55
N ILE A 33 22.45 -1.29 -8.48
CA ILE A 33 21.17 -1.91 -8.18
C ILE A 33 20.37 -2.22 -9.44
N GLN A 34 20.39 -3.47 -9.87
CA GLN A 34 19.65 -3.90 -11.04
C GLN A 34 18.28 -4.42 -10.55
N CYS A 35 17.22 -3.79 -11.03
CA CYS A 35 15.85 -4.12 -10.61
C CYS A 35 14.99 -4.94 -11.55
N PHE A 36 14.01 -5.62 -10.95
CA PHE A 36 13.07 -6.48 -11.67
C PHE A 36 11.71 -6.34 -11.03
N ALA A 37 10.67 -6.23 -11.87
CA ALA A 37 9.32 -6.05 -11.37
C ALA A 37 8.56 -7.32 -11.00
N SER A 38 9.17 -8.49 -11.22
CA SER A 38 8.49 -9.75 -10.88
C SER A 38 9.46 -10.91 -10.80
N ALA A 39 9.01 -12.02 -10.23
CA ALA A 39 9.83 -13.22 -10.12
C ALA A 39 10.05 -13.78 -11.52
N GLU A 40 9.00 -13.73 -12.33
CA GLU A 40 9.07 -14.22 -13.70
C GLU A 40 10.17 -13.48 -14.47
N SER A 41 10.17 -12.14 -14.36
CA SER A 41 11.16 -11.32 -15.03
C SER A 41 12.57 -11.61 -14.54
N PHE A 42 12.73 -11.75 -13.23
CA PHE A 42 14.05 -12.05 -12.68
C PHE A 42 14.56 -13.41 -13.11
N MSE A 43 13.65 -14.38 -13.21
CA MSE A 43 14.03 -15.74 -13.59
C MSE A 43 14.54 -15.85 -15.02
O MSE A 43 15.05 -16.89 -15.43
CB MSE A 43 12.87 -16.71 -13.36
CG MSE A 43 12.59 -16.98 -11.90
SE MSE A 43 14.14 -17.65 -10.98
CE MSE A 43 13.34 -19.32 -10.36
N ARG A 44 14.40 -14.77 -15.80
CA ARG A 44 14.86 -14.75 -17.19
C ARG A 44 16.25 -14.14 -17.22
N GLN A 45 16.69 -13.66 -16.06
CA GLN A 45 17.97 -13.00 -15.92
C GLN A 45 19.12 -13.96 -15.69
N GLN A 46 20.18 -13.81 -16.47
CA GLN A 46 21.35 -14.65 -16.32
C GLN A 46 22.09 -14.11 -15.10
N ILE A 47 22.01 -14.84 -13.99
CA ILE A 47 22.67 -14.40 -12.77
C ILE A 47 24.14 -14.12 -13.03
N SER A 48 24.52 -12.85 -12.88
CA SER A 48 25.88 -12.41 -13.12
C SER A 48 26.88 -12.85 -12.05
N ASP A 49 28.14 -13.03 -12.48
CA ASP A 49 29.20 -13.44 -11.56
C ASP A 49 29.61 -12.26 -10.69
N ASP A 50 29.12 -11.07 -11.04
CA ASP A 50 29.42 -9.86 -10.29
C ASP A 50 28.33 -9.53 -9.28
N ALA A 51 27.32 -10.41 -9.21
CA ALA A 51 26.23 -10.22 -8.27
C ALA A 51 26.72 -10.68 -6.90
N ILE A 52 26.53 -9.84 -5.89
CA ILE A 52 26.95 -10.17 -4.54
C ILE A 52 25.78 -10.31 -3.57
N GLY A 53 24.60 -9.80 -3.96
CA GLY A 53 23.45 -9.91 -3.08
C GLY A 53 22.10 -9.68 -3.75
N MSE A 54 21.03 -9.80 -2.97
CA MSE A 54 19.68 -9.59 -3.48
C MSE A 54 18.76 -8.96 -2.43
O MSE A 54 18.98 -9.10 -1.23
CB MSE A 54 19.07 -10.92 -3.94
CG MSE A 54 19.66 -11.49 -5.24
SE MSE A 54 18.66 -13.00 -5.97
CE MSE A 54 16.99 -12.13 -6.18
N ILE A 55 17.74 -8.27 -2.91
CA ILE A 55 16.73 -7.64 -2.07
C ILE A 55 15.43 -8.09 -2.73
N ILE A 56 14.56 -8.72 -1.94
CA ILE A 56 13.32 -9.24 -2.49
C ILE A 56 12.11 -8.90 -1.62
N GLU A 57 11.05 -8.44 -2.28
CA GLU A 57 9.79 -8.11 -1.63
C GLU A 57 9.17 -9.47 -1.37
N ALA A 58 8.77 -9.72 -0.12
CA ALA A 58 8.20 -11.00 0.26
C ALA A 58 6.92 -11.38 -0.47
N HIS A 59 6.08 -10.39 -0.78
CA HIS A 59 4.80 -10.66 -1.41
C HIS A 59 4.66 -10.07 -2.81
N LEU A 60 5.50 -10.53 -3.72
CA LEU A 60 5.49 -10.05 -5.09
C LEU A 60 4.10 -10.13 -5.72
N GLU A 61 3.67 -9.04 -6.32
CA GLU A 61 2.37 -8.92 -6.96
C GLU A 61 1.20 -9.29 -6.05
N ASP A 62 1.39 -9.09 -4.75
CA ASP A 62 0.34 -9.38 -3.77
C ASP A 62 0.07 -10.87 -3.59
N LYS A 63 0.99 -11.71 -4.06
CA LYS A 63 0.90 -13.16 -3.90
C LYS A 63 1.71 -13.44 -2.63
N LYS A 64 1.01 -13.74 -1.54
CA LYS A 64 1.65 -13.98 -0.27
C LYS A 64 2.84 -14.91 -0.33
N ASP A 65 3.95 -14.45 0.24
CA ASP A 65 5.17 -15.23 0.31
C ASP A 65 5.84 -15.60 -1.03
N SER A 66 5.33 -15.09 -2.16
CA SER A 66 5.93 -15.45 -3.45
C SER A 66 7.40 -15.04 -3.56
N GLY A 67 7.78 -13.96 -2.91
CA GLY A 67 9.17 -13.52 -2.95
C GLY A 67 10.05 -14.51 -2.19
N ILE A 68 9.54 -15.01 -1.06
CA ILE A 68 10.28 -15.97 -0.25
C ILE A 68 10.39 -17.28 -1.02
N GLU A 69 9.33 -17.64 -1.74
CA GLU A 69 9.35 -18.85 -2.55
C GLU A 69 10.48 -18.71 -3.57
N LEU A 70 10.61 -17.52 -4.15
CA LEU A 70 11.68 -17.27 -5.11
C LEU A 70 13.02 -17.55 -4.44
N LEU A 71 13.21 -17.03 -3.23
CA LEU A 71 14.45 -17.24 -2.50
C LEU A 71 14.67 -18.75 -2.29
N GLU A 72 13.64 -19.45 -1.85
CA GLU A 72 13.74 -20.88 -1.61
C GLU A 72 14.14 -21.63 -2.88
N THR A 73 13.56 -21.24 -4.02
CA THR A 73 13.87 -21.86 -5.29
C THR A 73 15.34 -21.68 -5.66
N LEU A 74 15.82 -20.45 -5.55
CA LEU A 74 17.21 -20.15 -5.88
C LEU A 74 18.16 -20.90 -4.97
N VAL A 75 17.82 -20.99 -3.69
CA VAL A 75 18.67 -21.70 -2.74
C VAL A 75 18.69 -23.19 -3.09
N LYS A 76 17.55 -23.67 -3.55
CA LYS A 76 17.44 -25.07 -3.94
C LYS A 76 18.32 -25.33 -5.16
N ARG A 77 18.45 -24.33 -6.03
CA ARG A 77 19.26 -24.46 -7.24
C ARG A 77 20.73 -24.12 -7.03
N GLY A 78 21.17 -24.09 -5.78
CA GLY A 78 22.56 -23.81 -5.48
C GLY A 78 23.00 -22.36 -5.47
N PHE A 79 22.09 -21.43 -5.72
CA PHE A 79 22.45 -20.01 -5.72
C PHE A 79 22.42 -19.47 -4.29
N HIS A 80 23.58 -19.08 -3.77
CA HIS A 80 23.67 -18.59 -2.41
C HIS A 80 24.18 -17.15 -2.30
N LEU A 81 23.26 -16.19 -2.47
CA LEU A 81 23.60 -14.79 -2.38
C LEU A 81 22.91 -14.21 -1.15
N PRO A 82 23.63 -13.42 -0.35
CA PRO A 82 23.03 -12.81 0.84
C PRO A 82 21.77 -12.09 0.39
N THR A 83 20.64 -12.43 0.98
CA THR A 83 19.39 -11.82 0.58
C THR A 83 18.65 -11.09 1.70
N ILE A 84 18.24 -9.87 1.41
CA ILE A 84 17.49 -9.04 2.34
C ILE A 84 16.02 -9.14 1.88
N VAL A 85 15.15 -9.67 2.73
CA VAL A 85 13.74 -9.76 2.38
C VAL A 85 12.99 -8.58 3.02
N MSE A 86 12.13 -7.93 2.23
CA MSE A 86 11.37 -6.78 2.71
C MSE A 86 9.88 -7.00 2.47
O MSE A 86 9.49 -7.68 1.53
CB MSE A 86 11.81 -5.51 1.98
CG MSE A 86 13.30 -5.22 2.10
SE MSE A 86 13.82 -3.55 1.22
CE MSE A 86 13.32 -2.36 2.66
N ALA A 87 9.05 -6.42 3.33
CA ALA A 87 7.61 -6.56 3.19
C ALA A 87 6.92 -5.39 3.88
N SER A 88 5.86 -4.90 3.24
CA SER A 88 5.10 -3.79 3.81
C SER A 88 3.94 -4.39 4.57
N SER A 89 3.84 -5.70 4.50
CA SER A 89 2.80 -6.48 5.15
C SER A 89 3.43 -7.79 5.62
N SER A 90 3.24 -8.15 6.88
CA SER A 90 3.84 -9.39 7.33
C SER A 90 3.36 -9.94 8.66
N ASP A 91 3.15 -11.25 8.70
CA ASP A 91 2.76 -11.90 9.94
C ASP A 91 3.98 -12.69 10.39
N ILE A 92 3.91 -13.27 11.57
CA ILE A 92 5.03 -14.02 12.09
C ILE A 92 5.50 -15.20 11.22
N PRO A 93 4.54 -16.03 10.73
CA PRO A 93 4.98 -17.18 9.91
C PRO A 93 5.78 -16.76 8.67
N THR A 94 5.43 -15.66 8.05
CA THR A 94 6.16 -15.19 6.87
C THR A 94 7.62 -14.84 7.24
N ALA A 95 7.80 -14.14 8.36
CA ALA A 95 9.14 -13.78 8.82
C ALA A 95 9.96 -15.04 9.09
N VAL A 96 9.34 -16.00 9.77
CA VAL A 96 10.01 -17.26 10.10
C VAL A 96 10.37 -18.03 8.83
N ARG A 97 9.46 -18.09 7.87
CA ARG A 97 9.73 -18.78 6.63
C ARG A 97 10.92 -18.13 5.92
N ALA A 98 10.97 -16.80 5.99
CA ALA A 98 12.06 -16.04 5.38
C ALA A 98 13.40 -16.41 5.99
N MSE A 99 13.44 -16.46 7.32
CA MSE A 99 14.68 -16.80 8.00
C MSE A 99 15.11 -18.25 7.68
O MSE A 99 16.29 -18.52 7.49
CB MSE A 99 14.58 -16.57 9.52
CG MSE A 99 14.31 -15.09 9.92
SE MSE A 99 15.35 -13.75 8.96
CE MSE A 99 14.21 -13.56 7.47
N ARG A 100 14.15 -19.17 7.62
CA ARG A 100 14.49 -20.55 7.29
C ARG A 100 14.95 -20.66 5.83
N ALA A 101 14.57 -19.68 5.02
CA ALA A 101 14.93 -19.69 3.61
C ALA A 101 16.32 -19.07 3.42
N SER A 102 17.00 -18.85 4.55
CA SER A 102 18.34 -18.28 4.61
C SER A 102 18.48 -16.77 4.43
N ALA A 103 17.38 -16.04 4.49
CA ALA A 103 17.46 -14.59 4.35
C ALA A 103 18.45 -14.01 5.36
N ALA A 104 19.26 -13.05 4.93
CA ALA A 104 20.24 -12.42 5.83
C ALA A 104 19.52 -11.50 6.81
N ASP A 105 18.39 -10.93 6.38
CA ASP A 105 17.60 -10.05 7.24
C ASP A 105 16.20 -9.93 6.64
N PHE A 106 15.25 -9.54 7.49
CA PHE A 106 13.87 -9.34 7.08
C PHE A 106 13.56 -7.92 7.58
N ILE A 107 13.20 -7.03 6.65
CA ILE A 107 12.92 -5.64 6.99
C ILE A 107 11.48 -5.24 6.67
N GLU A 108 10.75 -4.74 7.66
CA GLU A 108 9.38 -4.32 7.43
C GLU A 108 9.43 -2.94 6.77
N LYS A 109 8.48 -2.69 5.87
CA LYS A 109 8.37 -1.39 5.18
C LYS A 109 7.06 -0.76 5.68
N PRO A 110 7.02 0.57 5.87
CA PRO A 110 8.09 1.55 5.68
C PRO A 110 9.28 1.22 6.58
N PHE A 111 10.46 1.36 6.01
CA PHE A 111 11.69 1.02 6.74
C PHE A 111 12.51 2.22 7.15
N ILE A 112 13.50 1.95 8.00
CA ILE A 112 14.42 2.95 8.48
C ILE A 112 15.58 2.87 7.50
N GLU A 113 15.86 3.96 6.81
CA GLU A 113 16.92 3.91 5.83
C GLU A 113 18.27 3.43 6.31
N HIS A 114 18.70 3.80 7.52
CA HIS A 114 20.02 3.33 7.96
C HIS A 114 20.07 1.82 8.15
N VAL A 115 18.93 1.21 8.46
CA VAL A 115 18.90 -0.24 8.62
C VAL A 115 19.21 -0.86 7.26
N LEU A 116 18.48 -0.42 6.24
CA LEU A 116 18.69 -0.96 4.90
C LEU A 116 20.10 -0.64 4.43
N VAL A 117 20.52 0.61 4.56
CA VAL A 117 21.85 1.01 4.12
C VAL A 117 22.91 0.12 4.79
N HIS A 118 22.77 -0.08 6.09
CA HIS A 118 23.70 -0.90 6.83
C HIS A 118 23.74 -2.34 6.32
N ASP A 119 22.57 -2.94 6.13
CA ASP A 119 22.49 -4.31 5.64
C ASP A 119 23.18 -4.49 4.29
N VAL A 120 23.00 -3.51 3.41
CA VAL A 120 23.62 -3.56 2.09
C VAL A 120 25.14 -3.38 2.16
N GLN A 121 25.59 -2.42 2.97
CA GLN A 121 27.02 -2.18 3.12
C GLN A 121 27.70 -3.45 3.63
N GLN A 122 27.02 -4.13 4.55
CA GLN A 122 27.56 -5.37 5.12
C GLN A 122 27.78 -6.40 4.01
N ILE A 123 26.82 -6.52 3.10
CA ILE A 123 26.93 -7.45 1.99
C ILE A 123 28.09 -7.03 1.09
N ILE A 124 28.22 -5.73 0.87
CA ILE A 124 29.29 -5.17 0.05
C ILE A 124 30.65 -5.55 0.64
N ASN A 125 30.82 -5.30 1.94
CA ASN A 125 32.07 -5.59 2.63
C ASN A 125 32.37 -7.08 2.71
N GLY A 126 31.37 -7.87 3.10
CA GLY A 126 31.55 -9.30 3.20
C GLY A 126 31.88 -9.92 1.85
N ALA A 127 31.55 -9.20 0.78
CA ALA A 127 31.81 -9.68 -0.58
C ALA A 127 33.26 -9.48 -0.96
N LYS A 128 33.80 -8.31 -0.65
CA LYS A 128 35.19 -8.00 -0.96
C LYS A 128 36.12 -8.58 0.11
N PRO B 7 -8.65 30.74 3.06
CA PRO B 7 -7.77 30.00 4.00
C PRO B 7 -7.15 28.80 3.30
N ILE B 8 -5.86 28.58 3.54
CA ILE B 8 -5.14 27.49 2.92
C ILE B 8 -4.71 26.38 3.89
N ILE B 9 -4.79 25.14 3.41
CA ILE B 9 -4.33 23.99 4.19
C ILE B 9 -3.39 23.23 3.26
N TYR B 10 -2.15 23.03 3.68
CA TYR B 10 -1.18 22.34 2.85
C TYR B 10 -1.31 20.83 2.97
N LEU B 11 -1.19 20.14 1.85
CA LEU B 11 -1.28 18.67 1.84
C LEU B 11 0.03 18.12 1.30
N VAL B 12 0.74 17.35 2.11
CA VAL B 12 2.03 16.78 1.69
C VAL B 12 1.88 15.25 1.65
N ASP B 13 1.86 14.71 0.45
CA ASP B 13 1.68 13.28 0.28
C ASP B 13 2.35 12.91 -1.04
N HIS B 14 3.20 11.89 -1.01
CA HIS B 14 3.92 11.48 -2.22
C HIS B 14 3.06 10.74 -3.25
N GLN B 15 1.89 10.28 -2.84
CA GLN B 15 1.00 9.55 -3.75
C GLN B 15 0.11 10.47 -4.58
N LYS B 16 0.38 10.52 -5.88
CA LYS B 16 -0.39 11.35 -6.79
C LYS B 16 -1.90 11.13 -6.64
N ASP B 17 -2.32 9.86 -6.62
CA ASP B 17 -3.73 9.53 -6.48
C ASP B 17 -4.33 10.03 -5.18
N ALA B 18 -3.61 9.86 -4.08
CA ALA B 18 -4.10 10.32 -2.79
C ALA B 18 -4.29 11.83 -2.82
N ARG B 19 -3.30 12.57 -3.31
CA ARG B 19 -3.42 14.01 -3.36
C ARG B 19 -4.70 14.44 -4.08
N ALA B 20 -5.00 13.82 -5.22
CA ALA B 20 -6.20 14.16 -5.97
C ALA B 20 -7.46 13.79 -5.19
N ALA B 21 -7.52 12.56 -4.68
CA ALA B 21 -8.68 12.11 -3.93
C ALA B 21 -8.97 12.97 -2.70
N LEU B 22 -7.93 13.33 -1.95
CA LEU B 22 -8.09 14.13 -0.76
C LEU B 22 -8.53 15.57 -1.06
N SER B 23 -7.98 16.15 -2.12
CA SER B 23 -8.36 17.50 -2.51
C SER B 23 -9.81 17.51 -2.97
N LYS B 24 -10.21 16.47 -3.69
CA LYS B 24 -11.59 16.37 -4.18
C LYS B 24 -12.54 16.25 -2.99
N LEU B 25 -12.23 15.34 -2.08
CA LEU B 25 -13.03 15.12 -0.88
C LEU B 25 -13.20 16.38 -0.03
N LEU B 26 -12.14 17.16 0.09
CA LEU B 26 -12.16 18.37 0.90
C LEU B 26 -12.54 19.66 0.18
N SER B 27 -12.48 19.66 -1.15
CA SER B 27 -12.80 20.85 -1.93
C SER B 27 -14.08 21.57 -1.52
N PRO B 28 -15.17 20.82 -1.25
CA PRO B 28 -16.45 21.44 -0.86
C PRO B 28 -16.36 22.36 0.37
N LEU B 29 -15.42 22.08 1.26
CA LEU B 29 -15.24 22.88 2.46
C LEU B 29 -14.71 24.27 2.12
N ASP B 30 -14.87 25.20 3.05
CA ASP B 30 -14.42 26.59 2.86
C ASP B 30 -12.91 26.73 3.09
N VAL B 31 -12.13 26.07 2.24
CA VAL B 31 -10.68 26.12 2.34
C VAL B 31 -10.11 25.66 1.01
N THR B 32 -8.88 26.10 0.70
CA THR B 32 -8.24 25.69 -0.53
C THR B 32 -7.09 24.76 -0.17
N ILE B 33 -7.00 23.62 -0.83
CA ILE B 33 -5.95 22.66 -0.56
C ILE B 33 -4.80 22.86 -1.56
N GLN B 34 -3.60 23.09 -1.06
CA GLN B 34 -2.44 23.24 -1.93
C GLN B 34 -1.57 22.02 -1.66
N CYS B 35 -1.26 21.27 -2.72
CA CYS B 35 -0.52 20.02 -2.58
C CYS B 35 0.98 20.03 -2.87
N PHE B 36 1.67 19.09 -2.24
CA PHE B 36 3.10 18.92 -2.38
C PHE B 36 3.41 17.43 -2.46
N ALA B 37 4.31 17.06 -3.36
CA ALA B 37 4.67 15.66 -3.54
C ALA B 37 5.79 15.20 -2.61
N SER B 38 6.46 16.13 -1.94
CA SER B 38 7.55 15.75 -1.05
C SER B 38 7.92 16.77 0.01
N ALA B 39 8.64 16.33 1.03
CA ALA B 39 9.08 17.20 2.10
C ALA B 39 9.98 18.28 1.49
N GLU B 40 10.90 17.84 0.64
CA GLU B 40 11.83 18.75 0.00
C GLU B 40 11.08 19.85 -0.72
N SER B 41 10.08 19.47 -1.52
CA SER B 41 9.27 20.41 -2.25
C SER B 41 8.53 21.39 -1.34
N PHE B 42 8.01 20.88 -0.23
CA PHE B 42 7.29 21.77 0.68
C PHE B 42 8.21 22.76 1.39
N MSE B 43 9.40 22.31 1.78
CA MSE B 43 10.35 23.16 2.48
C MSE B 43 10.80 24.34 1.63
O MSE B 43 11.41 25.29 2.13
CB MSE B 43 11.56 22.34 2.93
CG MSE B 43 11.27 21.37 4.06
SE MSE B 43 10.64 22.27 5.68
CE MSE B 43 12.19 21.99 6.75
N ARG B 44 10.49 24.29 0.33
CA ARG B 44 10.83 25.37 -0.58
C ARG B 44 9.71 26.39 -0.64
N GLN B 45 8.53 25.98 -0.17
CA GLN B 45 7.35 26.83 -0.16
C GLN B 45 7.35 27.90 0.92
N GLN B 46 7.05 29.14 0.54
CA GLN B 46 6.96 30.23 1.50
C GLN B 46 5.60 30.05 2.17
N ILE B 47 5.61 29.76 3.46
CA ILE B 47 4.36 29.57 4.15
C ILE B 47 3.55 30.87 4.19
N SER B 48 2.40 30.84 3.53
CA SER B 48 1.52 31.99 3.45
C SER B 48 0.88 32.34 4.80
N ASP B 49 0.50 33.61 4.94
CA ASP B 49 -0.14 34.10 6.15
C ASP B 49 -1.59 33.58 6.19
N ASP B 50 -2.08 33.10 5.06
CA ASP B 50 -3.44 32.59 4.97
C ASP B 50 -3.53 31.09 5.27
N ALA B 51 -2.39 30.45 5.45
CA ALA B 51 -2.38 29.02 5.76
C ALA B 51 -2.88 28.81 7.17
N ILE B 52 -3.83 27.88 7.34
CA ILE B 52 -4.38 27.60 8.65
C ILE B 52 -4.11 26.18 9.14
N GLY B 53 -3.54 25.34 8.28
CA GLY B 53 -3.26 23.98 8.69
C GLY B 53 -2.55 23.14 7.66
N MSE B 54 -2.20 21.91 8.05
CA MSE B 54 -1.53 20.98 7.15
C MSE B 54 -1.99 19.56 7.36
O MSE B 54 -2.49 19.22 8.43
CB MSE B 54 -0.01 21.02 7.37
CG MSE B 54 0.64 22.34 7.06
SE MSE B 54 2.55 22.21 7.25
CE MSE B 54 2.84 20.67 6.11
N ILE B 55 -1.83 18.75 6.31
CA ILE B 55 -2.15 17.34 6.32
C ILE B 55 -0.88 16.70 5.77
N ILE B 56 -0.26 15.83 6.56
CA ILE B 56 1.00 15.21 6.15
C ILE B 56 0.99 13.69 6.24
N GLU B 57 1.48 13.04 5.18
CA GLU B 57 1.61 11.58 5.15
C GLU B 57 2.82 11.32 6.07
N ALA B 58 2.68 10.38 7.00
CA ALA B 58 3.76 10.09 7.94
C ALA B 58 5.00 9.44 7.34
N HIS B 59 4.79 8.64 6.30
CA HIS B 59 5.89 7.92 5.68
C HIS B 59 6.09 8.34 4.24
N LEU B 60 6.49 9.59 4.04
CA LEU B 60 6.73 10.11 2.71
C LEU B 60 7.76 9.29 1.96
N GLU B 61 7.43 8.95 0.71
CA GLU B 61 8.31 8.18 -0.15
C GLU B 61 8.81 6.90 0.50
N ASP B 62 7.93 6.24 1.27
CA ASP B 62 8.25 4.99 1.93
C ASP B 62 9.28 5.09 3.07
N LYS B 63 9.85 6.28 3.27
CA LYS B 63 10.83 6.48 4.34
C LYS B 63 10.10 6.71 5.65
N LYS B 64 10.16 5.70 6.53
CA LYS B 64 9.49 5.73 7.81
C LYS B 64 9.60 7.04 8.59
N ASP B 65 8.45 7.57 9.01
CA ASP B 65 8.36 8.80 9.79
C ASP B 65 8.89 10.08 9.15
N SER B 66 9.31 10.03 7.88
CA SER B 66 9.86 11.23 7.25
C SER B 66 8.88 12.40 7.23
N GLY B 67 7.58 12.10 7.25
CA GLY B 67 6.59 13.16 7.28
C GLY B 67 6.51 13.72 8.68
N ILE B 68 6.76 12.87 9.67
CA ILE B 68 6.72 13.30 11.06
C ILE B 68 7.98 14.12 11.30
N GLU B 69 9.06 13.72 10.65
CA GLU B 69 10.32 14.43 10.77
C GLU B 69 10.08 15.85 10.26
N LEU B 70 9.33 15.95 9.16
CA LEU B 70 9.02 17.26 8.58
C LEU B 70 8.28 18.11 9.61
N LEU B 71 7.29 17.51 10.27
CA LEU B 71 6.52 18.23 11.28
C LEU B 71 7.44 18.71 12.40
N GLU B 72 8.32 17.83 12.85
CA GLU B 72 9.25 18.16 13.92
C GLU B 72 10.11 19.36 13.52
N THR B 73 10.56 19.37 12.27
CA THR B 73 11.38 20.46 11.75
C THR B 73 10.61 21.78 11.72
N LEU B 74 9.33 21.73 11.35
CA LEU B 74 8.52 22.94 11.31
C LEU B 74 8.30 23.47 12.72
N VAL B 75 8.07 22.57 13.66
CA VAL B 75 7.84 22.94 15.05
C VAL B 75 9.09 23.61 15.64
N LYS B 76 10.26 23.12 15.24
CA LYS B 76 11.51 23.68 15.72
C LYS B 76 11.72 25.06 15.12
N ARG B 77 11.13 25.30 13.96
CA ARG B 77 11.24 26.59 13.29
C ARG B 77 10.16 27.58 13.75
N GLY B 78 9.48 27.24 14.84
CA GLY B 78 8.46 28.11 15.38
C GLY B 78 7.15 28.14 14.62
N PHE B 79 7.00 27.27 13.62
CA PHE B 79 5.78 27.20 12.84
C PHE B 79 4.78 26.30 13.54
N HIS B 80 3.62 26.86 13.87
CA HIS B 80 2.59 26.07 14.55
C HIS B 80 1.24 26.13 13.87
N LEU B 81 1.05 25.21 12.93
CA LEU B 81 -0.19 25.09 12.18
C LEU B 81 -0.77 23.73 12.54
N PRO B 82 -2.05 23.69 12.96
CA PRO B 82 -2.68 22.42 13.30
C PRO B 82 -2.43 21.42 12.19
N THR B 83 -1.76 20.32 12.54
CA THR B 83 -1.40 19.31 11.57
C THR B 83 -2.02 17.93 11.79
N ILE B 84 -2.63 17.41 10.72
CA ILE B 84 -3.24 16.09 10.74
C ILE B 84 -2.26 15.12 10.07
N VAL B 85 -1.70 14.20 10.83
CA VAL B 85 -0.77 13.24 10.25
C VAL B 85 -1.60 12.03 9.86
N MSE B 86 -1.34 11.49 8.67
CA MSE B 86 -2.07 10.33 8.18
C MSE B 86 -1.08 9.22 7.82
O MSE B 86 0.01 9.49 7.34
CB MSE B 86 -2.90 10.69 6.94
CG MSE B 86 -3.99 11.72 7.20
SE MSE B 86 -5.05 12.14 5.65
CE MSE B 86 -6.27 10.64 5.77
N ALA B 87 -1.45 7.96 8.04
CA ALA B 87 -0.55 6.88 7.70
C ALA B 87 -1.22 5.54 7.52
N SER B 88 -0.70 4.76 6.59
CA SER B 88 -1.23 3.42 6.34
C SER B 88 -0.18 2.51 6.97
N SER B 89 -0.57 1.32 7.40
CA SER B 89 0.39 0.36 7.98
C SER B 89 1.32 0.88 9.11
N SER B 90 0.80 1.54 10.15
CA SER B 90 1.67 2.06 11.22
C SER B 90 1.57 1.42 12.61
N ASP B 91 2.64 1.58 13.39
CA ASP B 91 2.70 1.04 14.75
C ASP B 91 2.52 2.13 15.79
N ILE B 92 2.43 1.72 17.05
CA ILE B 92 2.24 2.65 18.17
C ILE B 92 3.30 3.76 18.22
N PRO B 93 4.58 3.39 18.25
CA PRO B 93 5.68 4.38 18.31
C PRO B 93 5.53 5.51 17.28
N THR B 94 5.10 5.17 16.07
CA THR B 94 4.91 6.19 15.05
C THR B 94 3.81 7.17 15.44
N ALA B 95 2.70 6.64 15.95
CA ALA B 95 1.58 7.46 16.38
C ALA B 95 2.01 8.33 17.55
N VAL B 96 2.68 7.71 18.52
CA VAL B 96 3.17 8.42 19.67
C VAL B 96 4.12 9.54 19.24
N ARG B 97 4.98 9.25 18.27
CA ARG B 97 5.92 10.26 17.79
C ARG B 97 5.21 11.45 17.15
N ALA B 98 4.13 11.18 16.41
CA ALA B 98 3.40 12.27 15.76
C ALA B 98 2.71 13.15 16.79
N MSE B 99 2.13 12.53 17.82
CA MSE B 99 1.46 13.32 18.85
C MSE B 99 2.49 14.17 19.62
O MSE B 99 2.20 15.32 19.98
CB MSE B 99 0.65 12.42 19.78
CG MSE B 99 -0.44 11.61 19.07
SE MSE B 99 -1.63 12.68 17.98
CE MSE B 99 -0.60 12.76 16.40
N ARG B 100 3.67 13.62 19.85
CA ARG B 100 4.72 14.37 20.54
C ARG B 100 5.15 15.56 19.69
N ALA B 101 5.12 15.38 18.37
CA ALA B 101 5.51 16.44 17.44
C ALA B 101 4.41 17.48 17.31
N SER B 102 3.45 17.42 18.21
CA SER B 102 2.31 18.32 18.31
C SER B 102 1.19 18.17 17.26
N ALA B 103 1.12 17.01 16.61
CA ALA B 103 0.07 16.82 15.61
C ALA B 103 -1.30 17.00 16.25
N ALA B 104 -2.22 17.63 15.53
CA ALA B 104 -3.58 17.81 16.04
C ALA B 104 -4.30 16.48 16.10
N ASP B 105 -3.94 15.57 15.20
CA ASP B 105 -4.55 14.25 15.16
C ASP B 105 -3.72 13.28 14.34
N PHE B 106 -4.00 12.00 14.49
CA PHE B 106 -3.29 10.97 13.74
C PHE B 106 -4.40 10.09 13.16
N ILE B 107 -4.47 10.01 11.84
CA ILE B 107 -5.51 9.21 11.18
C ILE B 107 -4.92 8.04 10.41
N GLU B 108 -5.36 6.83 10.75
CA GLU B 108 -4.90 5.64 10.07
C GLU B 108 -5.62 5.53 8.74
N LYS B 109 -4.92 5.09 7.71
CA LYS B 109 -5.53 4.90 6.40
C LYS B 109 -5.51 3.39 6.13
N PRO B 110 -6.55 2.86 5.47
CA PRO B 110 -7.75 3.57 4.98
C PRO B 110 -8.51 4.24 6.09
N PHE B 111 -9.06 5.40 5.78
CA PHE B 111 -9.76 6.21 6.77
C PHE B 111 -11.25 6.39 6.53
N ILE B 112 -11.96 6.72 7.61
CA ILE B 112 -13.38 6.97 7.50
C ILE B 112 -13.48 8.45 7.10
N GLU B 113 -14.10 8.68 5.95
CA GLU B 113 -14.27 10.00 5.38
C GLU B 113 -14.64 11.14 6.33
N HIS B 114 -15.72 11.01 7.07
CA HIS B 114 -16.12 12.11 7.96
C HIS B 114 -15.08 12.40 9.05
N VAL B 115 -14.25 11.43 9.40
CA VAL B 115 -13.22 11.67 10.41
C VAL B 115 -12.27 12.74 9.93
N LEU B 116 -11.78 12.59 8.70
CA LEU B 116 -10.86 13.58 8.14
C LEU B 116 -11.60 14.89 7.91
N VAL B 117 -12.81 14.82 7.36
CA VAL B 117 -13.57 16.03 7.10
C VAL B 117 -13.84 16.83 8.37
N HIS B 118 -14.24 16.14 9.43
CA HIS B 118 -14.53 16.83 10.67
C HIS B 118 -13.27 17.47 11.23
N ASP B 119 -12.14 16.78 11.09
CA ASP B 119 -10.86 17.29 11.59
C ASP B 119 -10.53 18.60 10.90
N VAL B 120 -10.67 18.61 9.58
CA VAL B 120 -10.39 19.79 8.78
C VAL B 120 -11.39 20.91 9.10
N GLN B 121 -12.67 20.56 9.19
CA GLN B 121 -13.69 21.56 9.49
C GLN B 121 -13.34 22.25 10.80
N GLN B 122 -12.83 21.47 11.75
CA GLN B 122 -12.43 21.97 13.06
C GLN B 122 -11.32 23.01 12.94
N ILE B 123 -10.34 22.74 12.09
CA ILE B 123 -9.22 23.65 11.86
C ILE B 123 -9.73 24.96 11.26
N ILE B 124 -10.68 24.84 10.33
CA ILE B 124 -11.27 26.00 9.67
C ILE B 124 -12.02 26.90 10.67
N ASN B 125 -12.82 26.30 11.55
CA ASN B 125 -13.57 27.07 12.53
C ASN B 125 -12.69 27.73 13.59
N GLY B 126 -11.63 27.04 13.99
CA GLY B 126 -10.74 27.58 15.00
C GLY B 126 -9.77 28.60 14.44
N ALA B 127 -9.80 28.79 13.13
CA ALA B 127 -8.91 29.73 12.46
C ALA B 127 -9.59 31.06 12.15
N LYS B 128 -10.90 31.13 12.37
CA LYS B 128 -11.62 32.37 12.11
C LYS B 128 -12.33 32.90 13.35
N PRO C 7 -19.75 -16.79 -18.45
CA PRO C 7 -20.18 -16.25 -17.13
C PRO C 7 -19.28 -15.08 -16.71
N ILE C 8 -19.89 -14.07 -16.10
CA ILE C 8 -19.15 -12.89 -15.68
C ILE C 8 -19.02 -12.72 -14.17
N ILE C 9 -17.85 -12.24 -13.74
CA ILE C 9 -17.59 -11.94 -12.35
C ILE C 9 -17.01 -10.53 -12.34
N TYR C 10 -17.70 -9.62 -11.68
CA TYR C 10 -17.26 -8.23 -11.61
C TYR C 10 -16.16 -8.03 -10.59
N LEU C 11 -15.11 -7.34 -10.99
CA LEU C 11 -13.98 -7.05 -10.10
C LEU C 11 -13.90 -5.55 -9.91
N VAL C 12 -14.08 -5.10 -8.67
CA VAL C 12 -14.04 -3.69 -8.33
C VAL C 12 -12.87 -3.46 -7.38
N ASP C 13 -11.78 -2.92 -7.92
CA ASP C 13 -10.54 -2.67 -7.21
C ASP C 13 -9.92 -1.42 -7.84
N HIS C 14 -9.53 -0.45 -7.02
CA HIS C 14 -8.96 0.80 -7.55
C HIS C 14 -7.49 0.72 -7.97
N GLN C 15 -6.85 -0.41 -7.72
CA GLN C 15 -5.45 -0.58 -8.08
C GLN C 15 -5.34 -1.23 -9.46
N LYS C 16 -4.81 -0.47 -10.41
CA LYS C 16 -4.66 -0.95 -11.79
C LYS C 16 -3.88 -2.25 -11.87
N ASP C 17 -2.66 -2.26 -11.32
CA ASP C 17 -1.84 -3.46 -11.36
C ASP C 17 -2.52 -4.65 -10.70
N ALA C 18 -3.30 -4.39 -9.66
CA ALA C 18 -4.01 -5.44 -8.95
C ALA C 18 -5.09 -6.04 -9.84
N ARG C 19 -5.86 -5.19 -10.52
CA ARG C 19 -6.90 -5.67 -11.41
C ARG C 19 -6.28 -6.61 -12.43
N ALA C 20 -5.18 -6.17 -13.03
CA ALA C 20 -4.50 -6.97 -14.04
C ALA C 20 -4.04 -8.32 -13.51
N ALA C 21 -3.35 -8.32 -12.36
CA ALA C 21 -2.87 -9.57 -11.78
C ALA C 21 -3.98 -10.55 -11.45
N LEU C 22 -5.03 -10.06 -10.79
CA LEU C 22 -6.15 -10.93 -10.44
C LEU C 22 -6.79 -11.49 -11.69
N SER C 23 -6.95 -10.65 -12.71
CA SER C 23 -7.55 -11.08 -13.97
C SER C 23 -6.74 -12.22 -14.58
N LYS C 24 -5.44 -11.98 -14.69
CA LYS C 24 -4.52 -12.97 -15.27
C LYS C 24 -4.64 -14.30 -14.53
N LEU C 25 -4.63 -14.23 -13.19
CA LEU C 25 -4.71 -15.42 -12.35
C LEU C 25 -6.00 -16.22 -12.52
N LEU C 26 -7.09 -15.55 -12.82
CA LEU C 26 -8.38 -16.21 -12.97
C LEU C 26 -8.77 -16.50 -14.42
N SER C 27 -7.86 -16.24 -15.35
CA SER C 27 -8.12 -16.47 -16.76
C SER C 27 -8.39 -17.92 -17.15
N PRO C 28 -7.59 -18.86 -16.62
CA PRO C 28 -7.80 -20.28 -16.96
C PRO C 28 -9.13 -20.85 -16.46
N LEU C 29 -9.85 -20.10 -15.63
CA LEU C 29 -11.14 -20.56 -15.12
C LEU C 29 -12.25 -20.23 -16.11
N ASP C 30 -13.31 -21.05 -16.12
CA ASP C 30 -14.43 -20.82 -17.01
C ASP C 30 -15.23 -19.60 -16.55
N VAL C 31 -14.67 -18.42 -16.79
CA VAL C 31 -15.33 -17.18 -16.38
C VAL C 31 -14.60 -15.97 -16.95
N THR C 32 -15.34 -14.91 -17.23
CA THR C 32 -14.75 -13.68 -17.75
C THR C 32 -14.77 -12.63 -16.64
N ILE C 33 -13.66 -11.93 -16.47
CA ILE C 33 -13.56 -10.91 -15.43
C ILE C 33 -13.73 -9.50 -15.99
N GLN C 34 -14.78 -8.82 -15.56
CA GLN C 34 -15.07 -7.46 -15.99
C GLN C 34 -14.67 -6.52 -14.85
N CYS C 35 -13.66 -5.69 -15.10
CA CYS C 35 -13.12 -4.79 -14.09
C CYS C 35 -13.68 -3.37 -14.02
N PHE C 36 -13.68 -2.83 -12.81
CA PHE C 36 -14.14 -1.48 -12.51
C PHE C 36 -13.13 -0.90 -11.52
N ALA C 37 -12.73 0.35 -11.74
CA ALA C 37 -11.74 0.99 -10.88
C ALA C 37 -12.28 1.71 -9.64
N SER C 38 -13.60 1.77 -9.51
CA SER C 38 -14.19 2.44 -8.36
C SER C 38 -15.66 2.02 -8.15
N ALA C 39 -16.21 2.40 -7.01
CA ALA C 39 -17.60 2.08 -6.69
C ALA C 39 -18.54 2.84 -7.64
N GLU C 40 -18.28 4.13 -7.83
CA GLU C 40 -19.11 4.95 -8.70
C GLU C 40 -19.10 4.37 -10.11
N SER C 41 -17.91 4.04 -10.59
CA SER C 41 -17.76 3.46 -11.91
C SER C 41 -18.66 2.22 -12.00
N PHE C 42 -18.76 1.48 -10.91
CA PHE C 42 -19.59 0.30 -10.90
C PHE C 42 -21.08 0.60 -10.79
N MSE C 43 -21.43 1.64 -10.04
CA MSE C 43 -22.83 2.02 -9.88
C MSE C 43 -23.41 2.59 -11.18
O MSE C 43 -24.61 2.82 -11.28
CB MSE C 43 -23.00 3.02 -8.73
CG MSE C 43 -22.71 2.41 -7.38
SE MSE C 43 -23.66 0.74 -7.12
CE MSE C 43 -24.55 1.16 -5.45
N ARG C 44 -22.55 2.81 -12.18
CA ARG C 44 -22.98 3.29 -13.48
C ARG C 44 -23.16 2.05 -14.31
N GLN C 45 -23.46 0.95 -13.65
CA GLN C 45 -23.62 -0.30 -14.36
C GLN C 45 -24.91 -1.02 -14.04
N GLN C 46 -25.57 -1.46 -15.10
CA GLN C 46 -26.80 -2.22 -15.00
C GLN C 46 -26.25 -3.64 -14.90
N ILE C 47 -26.38 -4.27 -13.73
CA ILE C 47 -25.86 -5.62 -13.55
C ILE C 47 -26.43 -6.57 -14.59
N SER C 48 -25.53 -7.23 -15.33
CA SER C 48 -25.94 -8.18 -16.37
C SER C 48 -26.54 -9.45 -15.81
N ASP C 49 -27.26 -10.19 -16.66
CA ASP C 49 -27.89 -11.44 -16.24
C ASP C 49 -26.90 -12.60 -16.33
N ASP C 50 -25.79 -12.39 -17.01
CA ASP C 50 -24.76 -13.41 -17.14
C ASP C 50 -23.78 -13.36 -15.96
N ALA C 51 -23.91 -12.34 -15.13
CA ALA C 51 -23.04 -12.17 -13.98
C ALA C 51 -23.40 -13.13 -12.86
N ILE C 52 -22.42 -13.88 -12.37
CA ILE C 52 -22.66 -14.83 -11.28
C ILE C 52 -22.01 -14.45 -9.95
N GLY C 53 -21.14 -13.45 -9.96
CA GLY C 53 -20.49 -13.06 -8.72
C GLY C 53 -19.67 -11.79 -8.80
N MSE C 54 -19.10 -11.42 -7.66
CA MSE C 54 -18.26 -10.23 -7.58
C MSE C 54 -17.09 -10.41 -6.61
O MSE C 54 -17.13 -11.23 -5.70
CB MSE C 54 -19.09 -9.03 -7.12
CG MSE C 54 -20.06 -8.55 -8.15
SE MSE C 54 -21.05 -7.04 -7.54
CE MSE C 54 -19.54 -5.94 -7.01
N ILE C 55 -16.06 -9.60 -6.85
CA ILE C 55 -14.86 -9.58 -6.03
C ILE C 55 -14.65 -8.09 -5.82
N ILE C 56 -14.67 -7.66 -4.56
CA ILE C 56 -14.54 -6.26 -4.23
C ILE C 56 -13.49 -5.92 -3.18
N GLU C 57 -12.70 -4.90 -3.46
CA GLU C 57 -11.69 -4.41 -2.52
C GLU C 57 -12.52 -3.72 -1.42
N ALA C 58 -12.25 -4.06 -0.17
CA ALA C 58 -13.02 -3.50 0.94
C ALA C 58 -12.83 -1.99 1.13
N HIS C 59 -11.62 -1.50 0.87
CA HIS C 59 -11.31 -0.09 1.07
C HIS C 59 -10.97 0.62 -0.23
N LEU C 60 -11.94 0.75 -1.12
CA LEU C 60 -11.73 1.39 -2.41
C LEU C 60 -11.28 2.84 -2.19
N GLU C 61 -10.26 3.24 -2.95
CA GLU C 61 -9.70 4.58 -2.88
C GLU C 61 -9.33 5.04 -1.47
N ASP C 62 -8.90 4.10 -0.63
CA ASP C 62 -8.51 4.39 0.74
C ASP C 62 -9.64 4.81 1.67
N LYS C 63 -10.88 4.70 1.20
CA LYS C 63 -12.02 5.06 2.02
C LYS C 63 -12.40 3.76 2.72
N LYS C 64 -12.12 3.68 4.01
CA LYS C 64 -12.38 2.47 4.79
C LYS C 64 -13.78 1.89 4.64
N ASP C 65 -13.83 0.59 4.38
CA ASP C 65 -15.09 -0.12 4.23
C ASP C 65 -15.98 0.31 3.06
N SER C 66 -15.51 1.25 2.22
CA SER C 66 -16.35 1.70 1.10
C SER C 66 -16.76 0.55 0.17
N GLY C 67 -15.88 -0.43 0.01
CA GLY C 67 -16.20 -1.57 -0.81
C GLY C 67 -17.32 -2.39 -0.18
N ILE C 68 -17.32 -2.47 1.14
CA ILE C 68 -18.35 -3.21 1.85
C ILE C 68 -19.66 -2.41 1.81
N GLU C 69 -19.59 -1.09 1.87
CA GLU C 69 -20.82 -0.31 1.82
C GLU C 69 -21.47 -0.47 0.45
N LEU C 70 -20.64 -0.69 -0.58
CA LEU C 70 -21.16 -0.91 -1.92
C LEU C 70 -21.95 -2.22 -1.91
N LEU C 71 -21.38 -3.24 -1.27
CA LEU C 71 -22.05 -4.53 -1.17
C LEU C 71 -23.37 -4.40 -0.39
N GLU C 72 -23.29 -3.69 0.73
CA GLU C 72 -24.45 -3.47 1.56
C GLU C 72 -25.57 -2.79 0.76
N THR C 73 -25.22 -1.74 0.02
CA THR C 73 -26.21 -1.02 -0.77
C THR C 73 -26.79 -1.89 -1.87
N LEU C 74 -25.94 -2.68 -2.50
CA LEU C 74 -26.37 -3.56 -3.57
C LEU C 74 -27.38 -4.57 -3.04
N VAL C 75 -27.14 -5.08 -1.84
CA VAL C 75 -28.05 -6.04 -1.22
C VAL C 75 -29.42 -5.39 -1.02
N LYS C 76 -29.42 -4.18 -0.48
CA LYS C 76 -30.67 -3.47 -0.28
C LYS C 76 -31.40 -3.26 -1.62
N ARG C 77 -30.64 -3.11 -2.69
CA ARG C 77 -31.21 -2.91 -4.03
C ARG C 77 -31.68 -4.21 -4.69
N GLY C 78 -31.70 -5.29 -3.92
CA GLY C 78 -32.16 -6.56 -4.44
C GLY C 78 -31.14 -7.40 -5.19
N PHE C 79 -30.03 -6.80 -5.59
CA PHE C 79 -29.00 -7.52 -6.32
C PHE C 79 -28.28 -8.50 -5.39
N HIS C 80 -28.33 -9.78 -5.75
CA HIS C 80 -27.68 -10.81 -4.94
C HIS C 80 -26.73 -11.69 -5.73
N LEU C 81 -25.43 -11.41 -5.60
CA LEU C 81 -24.39 -12.17 -6.27
C LEU C 81 -23.31 -12.53 -5.25
N PRO C 82 -22.93 -13.82 -5.18
CA PRO C 82 -21.89 -14.21 -4.23
C PRO C 82 -20.74 -13.23 -4.40
N THR C 83 -20.31 -12.63 -3.30
CA THR C 83 -19.25 -11.64 -3.34
C THR C 83 -18.07 -11.96 -2.44
N ILE C 84 -16.87 -11.87 -3.01
CA ILE C 84 -15.63 -12.10 -2.30
C ILE C 84 -15.04 -10.72 -1.97
N VAL C 85 -14.91 -10.43 -0.68
CA VAL C 85 -14.36 -9.15 -0.25
C VAL C 85 -12.89 -9.39 0.06
N MSE C 86 -12.04 -8.56 -0.53
CA MSE C 86 -10.61 -8.67 -0.33
C MSE C 86 -10.09 -7.38 0.29
O MSE C 86 -10.57 -6.29 -0.04
CB MSE C 86 -9.92 -8.90 -1.67
CG MSE C 86 -10.33 -10.21 -2.35
SE MSE C 86 -9.40 -10.55 -4.02
CE MSE C 86 -7.79 -11.27 -3.30
N ALA C 87 -9.12 -7.50 1.17
CA ALA C 87 -8.57 -6.32 1.81
C ALA C 87 -7.14 -6.54 2.26
N SER C 88 -6.31 -5.52 2.10
CA SER C 88 -4.92 -5.65 2.51
C SER C 88 -4.85 -5.14 3.95
N SER C 89 -5.39 -3.96 4.18
CA SER C 89 -5.40 -3.42 5.52
C SER C 89 -6.71 -3.93 6.08
N SER C 90 -6.68 -4.48 7.29
CA SER C 90 -7.92 -4.95 7.85
C SER C 90 -7.89 -5.22 9.34
N ASP C 91 -8.89 -4.70 10.02
CA ASP C 91 -9.04 -4.92 11.45
C ASP C 91 -10.26 -5.83 11.58
N ILE C 92 -10.49 -6.34 12.78
CA ILE C 92 -11.59 -7.26 13.01
C ILE C 92 -12.95 -6.71 12.61
N PRO C 93 -13.30 -5.49 13.06
CA PRO C 93 -14.61 -4.92 12.71
C PRO C 93 -14.91 -4.91 11.21
N THR C 94 -13.88 -4.70 10.39
CA THR C 94 -14.10 -4.72 8.95
C THR C 94 -14.48 -6.12 8.45
N ALA C 95 -13.79 -7.13 8.95
CA ALA C 95 -14.08 -8.51 8.54
C ALA C 95 -15.49 -8.89 8.97
N VAL C 96 -15.85 -8.53 10.19
CA VAL C 96 -17.19 -8.83 10.72
C VAL C 96 -18.27 -8.12 9.89
N ARG C 97 -17.99 -6.87 9.52
CA ARG C 97 -18.95 -6.12 8.73
C ARG C 97 -19.17 -6.80 7.38
N ALA C 98 -18.08 -7.23 6.74
CA ALA C 98 -18.18 -7.90 5.46
C ALA C 98 -19.07 -9.13 5.56
N MSE C 99 -18.84 -9.93 6.59
CA MSE C 99 -19.64 -11.13 6.76
C MSE C 99 -21.11 -10.76 6.99
O MSE C 99 -22.00 -11.38 6.42
CB MSE C 99 -19.08 -11.99 7.89
CG MSE C 99 -17.60 -12.41 7.67
SE MSE C 99 -17.25 -13.22 5.92
CE MSE C 99 -16.86 -11.62 4.95
N ARG C 100 -21.36 -9.71 7.78
CA ARG C 100 -22.73 -9.26 8.02
C ARG C 100 -23.35 -8.68 6.76
N ALA C 101 -22.51 -8.27 5.81
CA ALA C 101 -23.02 -7.70 4.57
C ALA C 101 -23.35 -8.81 3.55
N SER C 102 -23.20 -10.06 3.97
CA SER C 102 -23.51 -11.24 3.16
C SER C 102 -22.36 -11.77 2.29
N ALA C 103 -21.14 -11.32 2.53
CA ALA C 103 -20.00 -11.78 1.73
C ALA C 103 -19.83 -13.30 1.81
N ALA C 104 -19.47 -13.91 0.68
CA ALA C 104 -19.24 -15.35 0.61
C ALA C 104 -17.90 -15.66 1.31
N ASP C 105 -17.00 -14.69 1.31
CA ASP C 105 -15.71 -14.86 1.97
C ASP C 105 -14.98 -13.52 2.09
N PHE C 106 -14.05 -13.47 3.03
CA PHE C 106 -13.23 -12.29 3.25
C PHE C 106 -11.78 -12.76 3.14
N ILE C 107 -11.07 -12.27 2.13
CA ILE C 107 -9.69 -12.65 1.88
C ILE C 107 -8.70 -11.52 2.16
N GLU C 108 -7.73 -11.77 3.03
CA GLU C 108 -6.71 -10.77 3.32
C GLU C 108 -5.69 -10.78 2.20
N LYS C 109 -5.17 -9.61 1.85
CA LYS C 109 -4.13 -9.50 0.84
C LYS C 109 -2.93 -8.98 1.60
N PRO C 110 -1.71 -9.42 1.23
CA PRO C 110 -1.38 -10.36 0.16
C PRO C 110 -2.10 -11.69 0.40
N PHE C 111 -2.65 -12.24 -0.68
CA PHE C 111 -3.44 -13.46 -0.62
C PHE C 111 -2.76 -14.75 -1.06
N ILE C 112 -3.38 -15.86 -0.65
CA ILE C 112 -2.91 -17.19 -1.00
C ILE C 112 -3.67 -17.51 -2.28
N GLU C 113 -2.92 -17.75 -3.35
CA GLU C 113 -3.49 -18.02 -4.65
C GLU C 113 -4.65 -19.00 -4.73
N HIS C 114 -4.45 -20.24 -4.26
CA HIS C 114 -5.51 -21.24 -4.35
C HIS C 114 -6.77 -20.92 -3.58
N VAL C 115 -6.66 -20.06 -2.55
CA VAL C 115 -7.83 -19.68 -1.76
C VAL C 115 -8.79 -18.87 -2.61
N LEU C 116 -8.25 -17.92 -3.37
CA LEU C 116 -9.06 -17.10 -4.25
C LEU C 116 -9.61 -17.97 -5.37
N VAL C 117 -8.73 -18.76 -5.99
CA VAL C 117 -9.12 -19.64 -7.08
C VAL C 117 -10.27 -20.55 -6.63
N HIS C 118 -10.13 -21.14 -5.45
CA HIS C 118 -11.15 -22.02 -4.89
C HIS C 118 -12.50 -21.33 -4.66
N ASP C 119 -12.48 -20.12 -4.14
CA ASP C 119 -13.72 -19.40 -3.90
C ASP C 119 -14.42 -19.08 -5.20
N VAL C 120 -13.63 -18.70 -6.20
CA VAL C 120 -14.18 -18.37 -7.51
C VAL C 120 -14.79 -19.61 -8.17
N GLN C 121 -14.06 -20.71 -8.11
CA GLN C 121 -14.55 -21.95 -8.71
C GLN C 121 -15.85 -22.36 -8.03
N GLN C 122 -15.92 -22.15 -6.71
CA GLN C 122 -17.14 -22.49 -5.98
C GLN C 122 -18.32 -21.64 -6.46
N ILE C 123 -18.03 -20.42 -6.89
CA ILE C 123 -19.07 -19.53 -7.40
C ILE C 123 -19.49 -20.02 -8.79
N ILE C 124 -18.50 -20.44 -9.57
CA ILE C 124 -18.75 -20.97 -10.91
C ILE C 124 -19.65 -22.21 -10.82
N ASN C 125 -19.26 -23.17 -9.98
CA ASN C 125 -20.02 -24.40 -9.80
C ASN C 125 -21.42 -24.14 -9.29
N GLY C 126 -21.57 -23.03 -8.56
CA GLY C 126 -22.86 -22.66 -8.01
C GLY C 126 -23.84 -22.17 -9.06
#